data_4G5G
#
_entry.id   4G5G
#
_cell.length_a   80.305
_cell.length_b   123.577
_cell.length_c   45.092
_cell.angle_alpha   90.00
_cell.angle_beta   90.00
_cell.angle_gamma   90.00
#
_symmetry.space_group_name_H-M   'P 21 21 2'
#
loop_
_entity.id
_entity.type
_entity.pdbx_description
1 polymer 'Elongation factor Tu 1'
2 polymer 'thiomuracin A derivative'
3 non-polymer 'MAGNESIUM ION'
4 non-polymer "GUANOSINE-5'-DIPHOSPHATE"
5 non-polymer 'SULFATE ION'
6 water water
#
loop_
_entity_poly.entity_id
_entity_poly.type
_entity_poly.pdbx_seq_one_letter_code
_entity_poly.pdbx_strand_id
1 'polypeptide(L)'
;MAKEKFERTKPHVNVGTIGHVDHGKTTLTAAITTVLAKTYGGAARAFDQIDNAPEEKARGITINTSHVEYDTPTRHYAHV
DCPGHADYVKNMITGAAQMDGAILVVAATDGPMPQTREHILLGRQVGVPYIIVFLNKCDMVDDEELLELVEMEVRELLSQ
YDFPGDDTPIVRGSALKALEGDAEWEAKILELAGFLDSYIPEPERAIDKPFLLPIEDVFSISGRGTVVTGRVERGIIKVG
EEVEIVGIKETQKSTCTGVEMFRKLLDEGRAGENVGVLLRGIKREEIERGQVLAKPGTIKPHTKFESEVYILSKDEGGRH
TPFFKGYRPQFYFRTTDVTGTIELPEGVEMVMPGDNIKMVVTLIHPIAMDDGLRFAIREGGRTVGAGVVAKVLG
;
A
2 'polypeptide(L)' S(BB9)N(BB6)(H14)(BB9)Y(05N)(BB9)(BB9)(MH6)(BB9)(NH2) I
#
# COMPACT_ATOMS: atom_id res chain seq x y z
N GLU A 4 -12.51 -3.17 -26.84
CA GLU A 4 -13.00 -4.48 -26.34
C GLU A 4 -12.26 -4.92 -25.09
N LYS A 5 -11.98 -3.98 -24.19
CA LYS A 5 -11.31 -4.39 -22.96
C LYS A 5 -12.31 -4.56 -21.81
N PHE A 6 -13.45 -5.19 -22.14
CA PHE A 6 -14.48 -5.51 -21.17
C PHE A 6 -13.91 -6.81 -20.61
N GLU A 7 -12.92 -7.32 -21.36
CA GLU A 7 -12.19 -8.54 -21.03
C GLU A 7 -11.02 -8.17 -20.14
N ARG A 8 -10.86 -6.86 -19.94
CA ARG A 8 -9.80 -6.30 -19.10
C ARG A 8 -8.43 -6.85 -19.45
N THR A 9 -8.10 -6.76 -20.72
CA THR A 9 -6.84 -7.24 -21.28
C THR A 9 -5.64 -6.30 -21.16
N LYS A 10 -5.89 -4.99 -21.04
CA LYS A 10 -4.81 -4.01 -20.93
C LYS A 10 -4.13 -4.05 -19.57
N PRO A 11 -2.84 -3.66 -19.51
CA PRO A 11 -2.04 -3.64 -18.28
C PRO A 11 -2.77 -2.73 -17.28
N HIS A 12 -2.79 -3.13 -16.02
CA HIS A 12 -3.51 -2.41 -14.95
C HIS A 12 -2.57 -1.71 -13.97
N VAL A 13 -2.80 -0.42 -13.73
CA VAL A 13 -1.94 0.34 -12.80
C VAL A 13 -2.77 1.14 -11.78
N ASN A 14 -2.40 1.05 -10.51
CA ASN A 14 -3.11 1.78 -9.45
C ASN A 14 -2.29 3.00 -9.10
N VAL A 15 -2.90 4.17 -9.21
CA VAL A 15 -2.19 5.41 -8.90
C VAL A 15 -3.08 6.29 -8.01
N GLY A 16 -2.61 7.50 -7.72
CA GLY A 16 -3.40 8.39 -6.89
C GLY A 16 -2.73 9.75 -6.78
N THR A 17 -3.51 10.76 -6.42
CA THR A 17 -2.97 12.09 -6.24
C THR A 17 -2.66 12.34 -4.75
N ILE A 18 -1.49 12.91 -4.47
CA ILE A 18 -1.07 13.25 -3.10
C ILE A 18 -0.66 14.71 -3.12
N GLY A 19 -0.45 15.26 -1.93
CA GLY A 19 -0.06 16.66 -1.86
C GLY A 19 -0.85 17.43 -0.82
N HIS A 20 -0.44 18.67 -0.61
CA HIS A 20 -1.08 19.53 0.38
C HIS A 20 -2.52 19.89 0.04
N VAL A 21 -3.34 20.03 1.07
CA VAL A 21 -4.73 20.40 0.86
C VAL A 21 -4.82 21.66 -0.01
N ASP A 22 -5.84 21.68 -0.86
CA ASP A 22 -6.12 22.78 -1.79
C ASP A 22 -5.10 23.09 -2.87
N HIS A 23 -4.16 22.17 -3.10
CA HIS A 23 -3.17 22.36 -4.16
C HIS A 23 -3.79 21.90 -5.49
N GLY A 24 -4.93 21.19 -5.42
CA GLY A 24 -5.60 20.80 -6.66
C GLY A 24 -5.66 19.32 -7.03
N LYS A 25 -5.56 18.45 -6.03
CA LYS A 25 -5.61 17.01 -6.26
C LYS A 25 -6.95 16.53 -6.83
N THR A 26 -8.06 17.02 -6.28
CA THR A 26 -9.37 16.60 -6.76
C THR A 26 -9.67 17.19 -8.15
N THR A 27 -9.30 18.44 -8.37
CA THR A 27 -9.52 19.10 -9.66
C THR A 27 -8.69 18.40 -10.72
N LEU A 28 -7.45 18.03 -10.36
CA LEU A 28 -6.54 17.34 -11.29
C LEU A 28 -7.11 15.98 -11.64
N THR A 29 -7.68 15.31 -10.65
CA THR A 29 -8.26 13.99 -10.90
C THR A 29 -9.45 14.12 -11.87
N ALA A 30 -10.35 15.05 -11.58
CA ALA A 30 -11.50 15.28 -12.46
C ALA A 30 -10.94 15.60 -13.87
N ALA A 31 -9.94 16.47 -13.93
CA ALA A 31 -9.37 16.88 -15.21
C ALA A 31 -8.81 15.69 -16.00
N ILE A 32 -8.08 14.80 -15.34
CA ILE A 32 -7.52 13.63 -16.02
C ILE A 32 -8.60 12.75 -16.63
N THR A 33 -9.67 12.49 -15.90
CA THR A 33 -10.73 11.64 -16.44
C THR A 33 -11.44 12.35 -17.59
N THR A 34 -11.69 13.65 -17.42
CA THR A 34 -12.35 14.43 -18.45
C THR A 34 -11.50 14.52 -19.73
N VAL A 35 -10.24 14.94 -19.61
CA VAL A 35 -9.42 15.05 -20.81
C VAL A 35 -9.16 13.68 -21.47
N LEU A 36 -8.90 12.63 -20.70
CA LEU A 36 -8.67 11.33 -21.35
C LEU A 36 -9.94 10.80 -22.03
N ALA A 37 -11.09 11.16 -21.49
CA ALA A 37 -12.37 10.73 -22.07
C ALA A 37 -12.60 11.37 -23.44
N LYS A 38 -12.31 12.66 -23.55
CA LYS A 38 -12.48 13.39 -24.80
C LYS A 38 -11.56 12.87 -25.87
N THR A 39 -10.33 12.60 -25.45
CA THR A 39 -9.29 12.15 -26.35
C THR A 39 -9.40 10.70 -26.76
N TYR A 40 -9.72 9.83 -25.82
CA TYR A 40 -9.80 8.41 -26.13
C TYR A 40 -11.12 7.76 -25.77
N GLY A 41 -12.08 8.56 -25.33
CA GLY A 41 -13.36 7.99 -24.95
C GLY A 41 -13.27 7.47 -23.52
N GLY A 42 -14.37 7.59 -22.79
CA GLY A 42 -14.39 7.14 -21.41
C GLY A 42 -15.36 7.93 -20.57
N ALA A 43 -15.38 7.64 -19.27
CA ALA A 43 -16.28 8.32 -18.38
C ALA A 43 -15.61 9.50 -17.72
N ALA A 44 -16.03 10.71 -18.09
CA ALA A 44 -15.48 11.92 -17.51
C ALA A 44 -16.11 12.01 -16.12
N ARG A 45 -15.40 12.59 -15.16
CA ARG A 45 -15.97 12.74 -13.81
C ARG A 45 -15.84 14.17 -13.36
N ALA A 46 -16.88 14.68 -12.71
CA ALA A 46 -16.87 16.06 -12.23
C ALA A 46 -16.18 16.19 -10.88
N PHE A 47 -15.77 17.41 -10.58
CA PHE A 47 -15.12 17.73 -9.33
C PHE A 47 -15.96 17.20 -8.17
N ASP A 48 -17.23 17.61 -8.16
CA ASP A 48 -18.20 17.26 -7.13
C ASP A 48 -18.29 15.80 -6.72
N GLN A 49 -18.42 14.90 -7.71
CA GLN A 49 -18.52 13.49 -7.40
C GLN A 49 -17.25 12.88 -6.82
N ILE A 50 -16.08 13.37 -7.25
CA ILE A 50 -14.80 12.88 -6.75
C ILE A 50 -14.53 13.49 -5.36
N ASP A 51 -14.88 14.76 -5.20
CA ASP A 51 -14.67 15.47 -3.95
C ASP A 51 -15.39 14.80 -2.78
N ASN A 52 -16.64 14.40 -3.00
CA ASN A 52 -17.42 13.75 -1.95
C ASN A 52 -17.02 12.30 -1.81
N ALA A 53 -15.92 12.05 -1.14
CA ALA A 53 -15.42 10.70 -1.01
C ALA A 53 -16.18 9.84 -0.02
N PRO A 54 -16.67 8.70 -0.49
CA PRO A 54 -17.42 7.79 0.38
C PRO A 54 -16.47 7.12 1.39
N GLU A 55 -17.04 6.68 2.51
CA GLU A 55 -16.26 6.02 3.53
C GLU A 55 -16.03 4.55 3.19
N GLU A 56 -14.80 4.09 3.43
CA GLU A 56 -14.41 2.71 3.16
C GLU A 56 -13.76 2.16 4.40
N LYS A 57 -13.86 0.85 4.58
CA LYS A 57 -13.26 0.20 5.75
C LYS A 57 -11.99 -0.54 5.35
N ALA A 58 -10.85 -0.09 5.87
CA ALA A 58 -9.55 -0.70 5.55
C ALA A 58 -9.20 -1.83 6.52
N ARG A 59 -8.74 -1.47 7.71
CA ARG A 59 -8.40 -2.46 8.73
C ARG A 59 -9.17 -2.11 9.99
N GLY A 60 -10.50 -2.03 9.85
CA GLY A 60 -11.32 -1.65 10.98
C GLY A 60 -11.18 -0.15 11.09
N ILE A 61 -10.64 0.44 10.03
CA ILE A 61 -10.45 1.89 10.01
C ILE A 61 -11.27 2.52 8.90
N THR A 62 -11.95 3.60 9.23
CA THR A 62 -12.77 4.32 8.28
C THR A 62 -11.93 5.38 7.56
N ILE A 63 -11.98 5.37 6.24
CA ILE A 63 -11.23 6.32 5.41
C ILE A 63 -12.12 6.85 4.31
N ASN A 64 -12.01 8.14 3.99
CA ASN A 64 -12.80 8.68 2.90
C ASN A 64 -11.93 8.61 1.64
N THR A 65 -12.39 7.82 0.69
CA THR A 65 -11.66 7.61 -0.54
C THR A 65 -12.55 7.62 -1.76
N SER A 66 -12.09 8.29 -2.81
CA SER A 66 -12.80 8.31 -4.06
C SER A 66 -11.94 7.51 -5.04
N HIS A 67 -12.61 6.69 -5.83
CA HIS A 67 -11.97 5.85 -6.81
C HIS A 67 -12.54 6.24 -8.16
N VAL A 68 -11.66 6.37 -9.15
CA VAL A 68 -12.08 6.63 -10.52
C VAL A 68 -11.13 5.83 -11.36
N GLU A 69 -11.50 5.56 -12.60
CA GLU A 69 -10.57 4.82 -13.44
C GLU A 69 -10.50 5.58 -14.75
N TYR A 70 -9.46 5.31 -15.53
CA TYR A 70 -9.30 5.97 -16.81
C TYR A 70 -8.35 5.18 -17.67
N ASP A 71 -8.43 5.44 -18.97
CA ASP A 71 -7.62 4.72 -19.92
C ASP A 71 -6.79 5.54 -20.87
N THR A 72 -5.58 5.06 -21.13
CA THR A 72 -4.75 5.70 -22.12
C THR A 72 -4.83 4.62 -23.19
N PRO A 73 -4.37 4.92 -24.42
CA PRO A 73 -4.46 3.86 -25.42
C PRO A 73 -3.85 2.52 -24.98
N THR A 74 -2.79 2.57 -24.19
CA THR A 74 -2.08 1.36 -23.78
C THR A 74 -2.37 0.80 -22.38
N ARG A 75 -2.97 1.60 -21.51
CA ARG A 75 -3.23 1.12 -20.15
C ARG A 75 -4.52 1.54 -19.49
N HIS A 76 -4.84 0.80 -18.44
CA HIS A 76 -6.00 1.07 -17.61
C HIS A 76 -5.49 1.50 -16.22
N TYR A 77 -6.06 2.58 -15.69
CA TYR A 77 -5.67 3.08 -14.40
C TYR A 77 -6.80 3.11 -13.39
N ALA A 78 -6.50 2.70 -12.17
CA ALA A 78 -7.47 2.77 -11.06
C ALA A 78 -6.77 3.86 -10.27
N HIS A 79 -7.49 4.96 -10.03
CA HIS A 79 -6.91 6.14 -9.39
C HIS A 79 -7.66 6.55 -8.13
N VAL A 80 -6.90 6.82 -7.06
CA VAL A 80 -7.46 7.22 -5.76
C VAL A 80 -7.22 8.68 -5.38
N ASP A 81 -8.23 9.32 -4.79
CA ASP A 81 -8.15 10.73 -4.37
C ASP A 81 -8.87 10.87 -3.02
N CYS A 82 -8.28 11.59 -2.07
CA CYS A 82 -8.89 11.74 -0.74
C CYS A 82 -9.08 13.19 -0.33
N PRO A 83 -10.12 13.47 0.46
CA PRO A 83 -10.42 14.83 0.92
C PRO A 83 -9.33 15.41 1.82
N GLY A 84 -9.08 14.75 2.94
CA GLY A 84 -8.09 15.28 3.85
C GLY A 84 -6.85 14.49 4.08
N HIS A 85 -5.91 15.14 4.72
CA HIS A 85 -4.62 14.59 5.09
C HIS A 85 -4.70 13.25 5.86
N ALA A 86 -5.60 13.18 6.82
CA ALA A 86 -5.78 11.96 7.62
C ALA A 86 -6.09 10.75 6.73
N ASP A 87 -6.84 11.00 5.66
CA ASP A 87 -7.21 9.96 4.73
C ASP A 87 -6.00 9.38 4.03
N TYR A 88 -5.05 10.23 3.65
CA TYR A 88 -3.84 9.75 2.98
C TYR A 88 -2.96 9.01 3.97
N VAL A 89 -2.92 9.50 5.20
CA VAL A 89 -2.12 8.86 6.24
C VAL A 89 -2.62 7.44 6.43
N LYS A 90 -3.92 7.30 6.68
CA LYS A 90 -4.52 5.99 6.92
C LYS A 90 -4.49 5.08 5.69
N ASN A 91 -4.71 5.70 4.52
CA ASN A 91 -4.71 4.95 3.28
C ASN A 91 -3.33 4.35 3.02
N MET A 92 -2.29 5.17 3.19
CA MET A 92 -0.92 4.75 2.95
C MET A 92 -0.41 3.71 3.96
N ILE A 93 -0.74 3.91 5.24
CA ILE A 93 -0.32 2.97 6.27
C ILE A 93 -1.03 1.62 6.16
N THR A 94 -2.36 1.61 6.08
CA THR A 94 -3.10 0.35 5.97
C THR A 94 -2.99 -0.25 4.57
N GLY A 95 -2.60 0.57 3.59
CA GLY A 95 -2.52 0.08 2.23
C GLY A 95 -3.90 -0.23 1.70
N ALA A 96 -4.91 0.48 2.17
CA ALA A 96 -6.28 0.22 1.69
C ALA A 96 -6.33 0.44 0.18
N ALA A 97 -5.61 1.43 -0.31
CA ALA A 97 -5.55 1.68 -1.75
C ALA A 97 -4.13 1.38 -2.22
N GLN A 98 -4.04 0.54 -3.25
CA GLN A 98 -2.77 0.17 -3.85
C GLN A 98 -2.18 1.35 -4.60
N MET A 99 -0.88 1.57 -4.44
CA MET A 99 -0.25 2.66 -5.16
C MET A 99 1.00 2.20 -5.90
N ASP A 100 0.86 1.98 -7.20
CA ASP A 100 1.98 1.56 -8.03
C ASP A 100 2.80 2.80 -8.37
N GLY A 101 2.14 3.95 -8.21
CA GLY A 101 2.77 5.23 -8.48
C GLY A 101 1.86 6.33 -7.92
N ALA A 102 2.46 7.48 -7.62
CA ALA A 102 1.69 8.60 -7.11
C ALA A 102 1.97 9.87 -7.91
N ILE A 103 0.92 10.67 -8.05
CA ILE A 103 1.00 11.96 -8.71
C ILE A 103 0.96 12.96 -7.57
N LEU A 104 2.10 13.63 -7.35
CA LEU A 104 2.23 14.65 -6.34
C LEU A 104 1.81 16.02 -6.92
N VAL A 105 0.73 16.58 -6.38
CA VAL A 105 0.26 17.87 -6.84
C VAL A 105 0.84 18.97 -5.96
N VAL A 106 1.53 19.91 -6.58
CA VAL A 106 2.11 21.04 -5.84
C VAL A 106 1.66 22.34 -6.49
N ALA A 107 1.01 23.19 -5.70
CA ALA A 107 0.51 24.46 -6.20
C ALA A 107 1.67 25.41 -6.49
N ALA A 108 1.83 25.77 -7.76
CA ALA A 108 2.89 26.67 -8.17
C ALA A 108 2.85 27.99 -7.39
N THR A 109 1.67 28.37 -6.95
CA THR A 109 1.46 29.60 -6.18
C THR A 109 1.97 29.48 -4.74
N ASP A 110 1.92 28.27 -4.18
CA ASP A 110 2.37 28.08 -2.81
C ASP A 110 3.72 27.39 -2.68
N GLY A 111 4.03 26.49 -3.59
CA GLY A 111 5.27 25.75 -3.47
C GLY A 111 5.01 24.69 -2.44
N PRO A 112 5.96 23.78 -2.19
CA PRO A 112 5.80 22.71 -1.21
C PRO A 112 5.25 23.25 0.11
N MET A 113 4.43 22.44 0.79
CA MET A 113 3.87 22.82 2.07
C MET A 113 4.01 21.63 3.01
N PRO A 114 3.68 21.80 4.30
CA PRO A 114 3.78 20.70 5.26
C PRO A 114 3.33 19.31 4.80
N GLN A 115 2.15 19.21 4.19
CA GLN A 115 1.63 17.92 3.75
C GLN A 115 2.34 17.37 2.55
N THR A 116 2.98 18.24 1.79
CA THR A 116 3.71 17.84 0.61
C THR A 116 4.87 16.97 1.06
N ARG A 117 5.50 17.43 2.14
CA ARG A 117 6.63 16.75 2.73
C ARG A 117 6.21 15.45 3.41
N GLU A 118 5.14 15.51 4.20
CA GLU A 118 4.68 14.31 4.92
C GLU A 118 4.25 13.20 3.95
N HIS A 119 3.57 13.59 2.86
CA HIS A 119 3.13 12.61 1.88
C HIS A 119 4.33 11.93 1.22
N ILE A 120 5.36 12.72 0.90
CA ILE A 120 6.55 12.13 0.29
C ILE A 120 7.25 11.21 1.29
N LEU A 121 7.45 11.72 2.52
CA LEU A 121 8.09 10.93 3.59
C LEU A 121 7.32 9.60 3.80
N LEU A 122 6.01 9.71 3.95
CA LEU A 122 5.18 8.51 4.16
C LEU A 122 5.23 7.62 2.93
N GLY A 123 5.23 8.25 1.76
CA GLY A 123 5.33 7.51 0.50
C GLY A 123 6.58 6.65 0.53
N ARG A 124 7.71 7.23 0.91
CA ARG A 124 8.93 6.43 0.98
C ARG A 124 8.82 5.36 2.09
N GLN A 125 8.25 5.71 3.24
CA GLN A 125 8.09 4.75 4.35
C GLN A 125 7.20 3.55 4.03
N VAL A 126 6.08 3.75 3.32
CA VAL A 126 5.17 2.64 2.99
C VAL A 126 5.47 1.98 1.66
N GLY A 127 6.53 2.41 1.01
CA GLY A 127 6.92 1.82 -0.25
C GLY A 127 6.35 2.31 -1.59
N VAL A 128 5.77 3.51 -1.67
CA VAL A 128 5.28 3.99 -2.96
C VAL A 128 6.53 4.10 -3.80
N PRO A 129 6.64 3.26 -4.82
CA PRO A 129 7.74 3.10 -5.78
C PRO A 129 8.10 4.27 -6.70
N TYR A 130 7.09 4.95 -7.24
CA TYR A 130 7.33 6.06 -8.13
C TYR A 130 6.40 7.25 -7.88
N ILE A 131 6.94 8.44 -8.15
CA ILE A 131 6.19 9.66 -7.99
C ILE A 131 6.45 10.53 -9.21
N ILE A 132 5.38 11.18 -9.66
CA ILE A 132 5.41 12.06 -10.80
C ILE A 132 4.77 13.35 -10.30
N VAL A 133 5.31 14.49 -10.72
CA VAL A 133 4.79 15.76 -10.24
C VAL A 133 4.02 16.60 -11.24
N PHE A 134 2.89 17.10 -10.77
CA PHE A 134 2.09 17.99 -11.57
C PHE A 134 2.16 19.28 -10.78
N LEU A 135 2.88 20.25 -11.35
CA LEU A 135 3.04 21.56 -10.76
C LEU A 135 1.78 22.26 -11.23
N ASN A 136 0.85 22.46 -10.30
CA ASN A 136 -0.47 23.04 -10.59
C ASN A 136 -0.65 24.55 -10.38
N LYS A 137 -1.76 25.08 -10.90
CA LYS A 137 -2.09 26.49 -10.77
C LYS A 137 -1.07 27.37 -11.50
N CYS A 138 -0.63 26.92 -12.66
CA CYS A 138 0.34 27.67 -13.45
C CYS A 138 -0.33 28.79 -14.23
N ASP A 139 -1.65 28.75 -14.31
CA ASP A 139 -2.41 29.80 -14.99
C ASP A 139 -2.34 31.06 -14.10
N MET A 140 -1.98 30.84 -12.84
CA MET A 140 -1.85 31.90 -11.86
C MET A 140 -0.43 32.45 -11.78
N VAL A 141 0.53 31.72 -12.35
CA VAL A 141 1.93 32.13 -12.34
C VAL A 141 2.56 32.16 -13.73
N ASP A 142 2.79 33.38 -14.22
CA ASP A 142 3.39 33.61 -15.54
C ASP A 142 4.89 33.85 -15.41
N ASP A 143 5.34 34.05 -14.18
CA ASP A 143 6.75 34.30 -13.88
C ASP A 143 7.57 33.02 -14.13
N GLU A 144 7.80 32.74 -15.41
CA GLU A 144 8.55 31.57 -15.88
C GLU A 144 9.82 31.28 -15.08
N GLU A 145 10.22 32.24 -14.25
CA GLU A 145 11.41 32.07 -13.42
C GLU A 145 11.00 31.47 -12.08
N LEU A 146 9.96 32.01 -11.46
CA LEU A 146 9.51 31.48 -10.17
C LEU A 146 9.05 30.04 -10.30
N LEU A 147 8.72 29.63 -11.53
CA LEU A 147 8.28 28.26 -11.77
C LEU A 147 9.52 27.37 -11.66
N GLU A 148 10.68 27.95 -12.00
CA GLU A 148 11.96 27.27 -11.95
C GLU A 148 12.30 26.89 -10.52
N LEU A 149 12.13 27.86 -9.62
CA LEU A 149 12.41 27.68 -8.20
C LEU A 149 11.55 26.56 -7.59
N VAL A 150 10.24 26.59 -7.86
CA VAL A 150 9.35 25.57 -7.31
C VAL A 150 9.82 24.18 -7.72
N GLU A 151 10.09 24.02 -9.01
CA GLU A 151 10.55 22.74 -9.52
C GLU A 151 11.83 22.31 -8.81
N MET A 152 12.74 23.27 -8.60
CA MET A 152 13.98 22.99 -7.90
C MET A 152 13.67 22.50 -6.49
N GLU A 153 12.73 23.18 -5.84
CA GLU A 153 12.32 22.86 -4.47
C GLU A 153 11.75 21.45 -4.39
N VAL A 154 10.88 21.13 -5.35
CA VAL A 154 10.24 19.82 -5.39
C VAL A 154 11.25 18.72 -5.64
N ARG A 155 12.14 18.94 -6.62
CA ARG A 155 13.14 17.94 -6.94
C ARG A 155 14.02 17.67 -5.72
N GLU A 156 14.49 18.74 -5.09
CA GLU A 156 15.33 18.63 -3.90
C GLU A 156 14.57 17.93 -2.78
N LEU A 157 13.29 18.26 -2.67
CA LEU A 157 12.42 17.67 -1.65
C LEU A 157 12.34 16.16 -1.85
N LEU A 158 12.08 15.74 -3.10
CA LEU A 158 11.98 14.33 -3.45
C LEU A 158 13.27 13.55 -3.12
N SER A 159 14.41 14.09 -3.55
CA SER A 159 15.70 13.47 -3.30
C SER A 159 15.94 13.42 -1.80
N GLN A 160 15.52 14.46 -1.08
CA GLN A 160 15.68 14.49 0.37
C GLN A 160 15.04 13.22 0.95
N TYR A 161 14.02 12.69 0.29
CA TYR A 161 13.40 11.47 0.79
C TYR A 161 13.72 10.24 -0.03
N ASP A 162 14.83 10.30 -0.75
CA ASP A 162 15.28 9.16 -1.55
C ASP A 162 14.55 8.83 -2.83
N PHE A 163 13.82 9.80 -3.39
CA PHE A 163 13.17 9.59 -4.67
C PHE A 163 14.13 10.24 -5.67
N PRO A 164 14.16 9.77 -6.93
CA PRO A 164 15.10 10.39 -7.89
C PRO A 164 14.65 11.75 -8.38
N GLY A 165 14.85 12.78 -7.57
CA GLY A 165 14.46 14.12 -7.92
C GLY A 165 14.90 14.62 -9.28
N ASP A 166 16.13 14.32 -9.67
CA ASP A 166 16.66 14.77 -10.97
C ASP A 166 15.98 14.13 -12.18
N ASP A 167 15.53 12.89 -12.03
CA ASP A 167 14.89 12.22 -13.16
C ASP A 167 13.36 12.25 -13.07
N THR A 168 12.83 12.83 -12.00
CA THR A 168 11.38 12.87 -11.82
C THR A 168 10.65 13.72 -12.83
N PRO A 169 9.65 13.15 -13.52
CA PRO A 169 8.91 13.96 -14.50
C PRO A 169 8.09 15.02 -13.78
N ILE A 170 8.20 16.27 -14.23
CA ILE A 170 7.41 17.36 -13.63
C ILE A 170 6.67 18.10 -14.75
N VAL A 171 5.34 18.06 -14.67
CA VAL A 171 4.51 18.73 -15.67
C VAL A 171 4.00 20.06 -15.14
N ARG A 172 4.18 21.12 -15.91
CA ARG A 172 3.67 22.44 -15.51
C ARG A 172 2.28 22.57 -16.11
N GLY A 173 1.26 22.66 -15.27
CA GLY A 173 -0.08 22.77 -15.82
C GLY A 173 -1.12 23.46 -14.95
N SER A 174 -2.36 23.34 -15.41
CA SER A 174 -3.52 23.90 -14.73
C SER A 174 -4.69 22.95 -14.80
N ALA A 175 -4.89 22.18 -13.74
CA ALA A 175 -6.01 21.24 -13.66
C ALA A 175 -7.33 21.96 -13.95
N LEU A 176 -7.60 23.03 -13.21
CA LEU A 176 -8.83 23.78 -13.40
C LEU A 176 -9.04 24.24 -14.83
N LYS A 177 -8.02 24.80 -15.47
CA LYS A 177 -8.20 25.27 -16.84
C LYS A 177 -8.37 24.15 -17.87
N ALA A 178 -7.72 23.01 -17.63
CA ALA A 178 -7.88 21.87 -18.52
C ALA A 178 -9.30 21.35 -18.33
N LEU A 179 -9.78 21.36 -17.09
CA LEU A 179 -11.12 20.90 -16.74
C LEU A 179 -12.19 21.84 -17.32
N GLU A 180 -11.80 23.07 -17.62
CA GLU A 180 -12.73 24.06 -18.18
C GLU A 180 -12.68 24.07 -19.70
N GLY A 181 -11.91 23.17 -20.28
CA GLY A 181 -11.84 23.12 -21.73
C GLY A 181 -10.67 23.86 -22.36
N ASP A 182 -9.95 24.63 -21.57
CA ASP A 182 -8.78 25.35 -22.07
C ASP A 182 -7.86 24.34 -22.78
N ALA A 183 -7.90 24.34 -24.11
CA ALA A 183 -7.12 23.42 -24.94
C ALA A 183 -5.61 23.33 -24.68
N GLU A 184 -4.95 24.47 -24.51
CA GLU A 184 -3.51 24.47 -24.26
C GLU A 184 -3.21 23.76 -22.94
N TRP A 185 -4.04 23.97 -21.95
CA TRP A 185 -3.83 23.33 -20.66
C TRP A 185 -4.16 21.85 -20.71
N GLU A 186 -5.16 21.48 -21.51
CA GLU A 186 -5.55 20.08 -21.62
C GLU A 186 -4.40 19.25 -22.17
N ALA A 187 -3.54 19.87 -22.97
CA ALA A 187 -2.39 19.19 -23.53
C ALA A 187 -1.45 18.78 -22.41
N LYS A 188 -1.42 19.57 -21.35
CA LYS A 188 -0.58 19.28 -20.19
C LYS A 188 -1.09 18.04 -19.46
N ILE A 189 -2.41 17.89 -19.43
CA ILE A 189 -3.03 16.74 -18.78
C ILE A 189 -2.61 15.48 -19.56
N LEU A 190 -2.59 15.60 -20.90
CA LEU A 190 -2.20 14.48 -21.74
C LEU A 190 -0.70 14.18 -21.54
N GLU A 191 0.08 15.24 -21.35
CA GLU A 191 1.50 15.11 -21.11
C GLU A 191 1.64 14.32 -19.79
N LEU A 192 0.81 14.65 -18.80
CA LEU A 192 0.86 13.93 -17.51
C LEU A 192 0.58 12.43 -17.72
N ALA A 193 -0.51 12.12 -18.40
CA ALA A 193 -0.89 10.74 -18.66
C ALA A 193 0.18 9.97 -19.45
N GLY A 194 0.90 10.68 -20.32
CA GLY A 194 1.96 10.06 -21.11
C GLY A 194 3.10 9.65 -20.19
N PHE A 195 3.33 10.45 -19.16
CA PHE A 195 4.37 10.12 -18.19
C PHE A 195 3.92 8.95 -17.29
N LEU A 196 2.63 8.82 -17.05
CA LEU A 196 2.13 7.68 -16.26
C LEU A 196 2.45 6.47 -17.12
N ASP A 197 2.21 6.61 -18.42
CA ASP A 197 2.48 5.51 -19.35
C ASP A 197 3.95 5.17 -19.41
N SER A 198 4.78 6.17 -19.65
CA SER A 198 6.21 5.96 -19.80
C SER A 198 7.09 5.88 -18.56
N TYR A 199 6.71 6.55 -17.50
CA TYR A 199 7.58 6.52 -16.34
C TYR A 199 7.29 5.39 -15.34
N ILE A 200 6.01 5.11 -15.07
CA ILE A 200 5.70 4.06 -14.12
C ILE A 200 5.71 2.69 -14.79
N PRO A 201 6.66 1.83 -14.42
CA PRO A 201 6.65 0.51 -15.07
C PRO A 201 5.44 -0.31 -14.64
N GLU A 202 4.97 -1.18 -15.54
CA GLU A 202 3.84 -2.03 -15.23
C GLU A 202 4.14 -2.80 -13.92
N PRO A 203 3.19 -2.75 -12.97
CA PRO A 203 3.31 -3.41 -11.67
C PRO A 203 3.42 -4.92 -11.73
N GLU A 204 4.16 -5.49 -10.80
CA GLU A 204 4.33 -6.92 -10.72
C GLU A 204 3.07 -7.57 -10.13
N ARG A 205 2.57 -8.61 -10.78
CA ARG A 205 1.38 -9.33 -10.31
C ARG A 205 1.67 -10.21 -9.07
N ALA A 206 0.80 -10.11 -8.06
CA ALA A 206 0.98 -10.90 -6.83
C ALA A 206 1.30 -12.34 -7.22
N ILE A 207 0.60 -12.83 -8.24
CA ILE A 207 0.80 -14.17 -8.76
C ILE A 207 2.24 -14.37 -9.28
N ASP A 208 2.93 -13.26 -9.52
CA ASP A 208 4.30 -13.32 -10.04
C ASP A 208 5.37 -13.14 -8.97
N LYS A 209 4.94 -12.81 -7.75
CA LYS A 209 5.86 -12.65 -6.64
C LYS A 209 6.16 -14.01 -6.02
N PRO A 210 7.21 -14.10 -5.20
CA PRO A 210 7.58 -15.37 -4.56
C PRO A 210 6.43 -15.93 -3.73
N PHE A 211 6.23 -17.24 -3.79
CA PHE A 211 5.15 -17.88 -3.06
C PHE A 211 5.17 -17.56 -1.55
N LEU A 212 4.00 -17.19 -1.03
CA LEU A 212 3.83 -16.90 0.40
C LEU A 212 2.39 -17.26 0.79
N LEU A 213 2.25 -18.11 1.80
CA LEU A 213 0.94 -18.51 2.32
C LEU A 213 0.94 -18.49 3.83
N PRO A 214 0.13 -17.61 4.44
CA PRO A 214 0.07 -17.54 5.91
C PRO A 214 -0.73 -18.74 6.47
N ILE A 215 -0.11 -19.46 7.39
CA ILE A 215 -0.75 -20.64 7.93
C ILE A 215 -1.87 -20.38 8.92
N GLU A 216 -3.01 -21.00 8.67
CA GLU A 216 -4.15 -20.86 9.57
C GLU A 216 -4.38 -22.15 10.36
N ASP A 217 -4.96 -23.17 9.74
CA ASP A 217 -5.19 -24.44 10.43
C ASP A 217 -4.16 -25.47 10.02
N VAL A 218 -3.95 -26.44 10.90
CA VAL A 218 -3.03 -27.53 10.60
C VAL A 218 -3.67 -28.81 11.13
N PHE A 219 -3.74 -29.82 10.26
CA PHE A 219 -4.29 -31.10 10.67
C PHE A 219 -3.51 -32.17 9.98
N SER A 220 -3.63 -33.38 10.50
CA SER A 220 -2.91 -34.50 9.93
C SER A 220 -3.86 -35.40 9.16
N ILE A 221 -3.32 -36.10 8.18
CA ILE A 221 -4.10 -37.04 7.37
C ILE A 221 -3.33 -38.36 7.45
N SER A 222 -3.87 -39.30 8.23
CA SER A 222 -3.25 -40.62 8.44
C SER A 222 -2.64 -41.16 7.15
N GLY A 223 -1.33 -41.36 7.18
CA GLY A 223 -0.63 -41.87 6.01
C GLY A 223 -0.02 -40.76 5.16
N ARG A 224 -0.88 -39.98 4.50
CA ARG A 224 -0.42 -38.89 3.63
C ARG A 224 0.46 -37.81 4.27
N GLY A 225 0.08 -37.32 5.46
CA GLY A 225 0.89 -36.30 6.11
C GLY A 225 0.17 -35.13 6.78
N THR A 226 0.93 -34.08 7.05
CA THR A 226 0.42 -32.88 7.70
C THR A 226 -0.02 -31.81 6.68
N VAL A 227 -1.26 -31.33 6.80
CA VAL A 227 -1.68 -30.28 5.88
C VAL A 227 -1.91 -28.97 6.61
N VAL A 228 -1.52 -27.87 5.96
CA VAL A 228 -1.76 -26.54 6.53
C VAL A 228 -2.71 -25.84 5.54
N THR A 229 -3.60 -25.03 6.08
CA THR A 229 -4.57 -24.33 5.25
C THR A 229 -4.24 -22.86 5.27
N GLY A 230 -4.81 -22.12 4.33
CA GLY A 230 -4.56 -20.70 4.30
C GLY A 230 -4.87 -20.20 2.92
N ARG A 231 -4.87 -18.90 2.75
CA ARG A 231 -5.11 -18.31 1.45
C ARG A 231 -3.75 -17.90 0.92
N VAL A 232 -3.41 -18.37 -0.28
CA VAL A 232 -2.13 -18.02 -0.88
C VAL A 232 -2.05 -16.50 -0.96
N GLU A 233 -1.08 -15.89 -0.28
CA GLU A 233 -0.95 -14.44 -0.32
C GLU A 233 -0.35 -14.00 -1.67
N ARG A 234 0.65 -14.73 -2.15
CA ARG A 234 1.23 -14.38 -3.44
C ARG A 234 1.96 -15.56 -4.01
N GLY A 235 2.13 -15.53 -5.32
CA GLY A 235 2.84 -16.58 -5.99
C GLY A 235 2.04 -17.83 -6.24
N ILE A 236 2.78 -18.91 -6.43
CA ILE A 236 2.20 -20.21 -6.74
C ILE A 236 3.05 -21.30 -6.10
N ILE A 237 2.40 -22.33 -5.59
CA ILE A 237 3.12 -23.45 -4.99
C ILE A 237 2.69 -24.64 -5.84
N LYS A 238 3.64 -25.35 -6.42
CA LYS A 238 3.31 -26.52 -7.24
C LYS A 238 3.69 -27.78 -6.46
N VAL A 239 3.02 -28.87 -6.75
CA VAL A 239 3.34 -30.11 -6.07
C VAL A 239 4.74 -30.54 -6.49
N GLY A 240 5.57 -30.90 -5.51
CA GLY A 240 6.93 -31.31 -5.78
C GLY A 240 7.94 -30.25 -5.36
N GLU A 241 7.48 -29.01 -5.25
CA GLU A 241 8.37 -27.90 -4.86
C GLU A 241 8.65 -27.85 -3.37
N GLU A 242 9.81 -27.31 -3.04
CA GLU A 242 10.21 -27.16 -1.65
C GLU A 242 9.66 -25.84 -1.10
N VAL A 243 9.45 -25.79 0.19
CA VAL A 243 8.94 -24.60 0.85
C VAL A 243 9.63 -24.48 2.19
N GLU A 244 9.67 -23.25 2.71
CA GLU A 244 10.22 -23.02 4.03
C GLU A 244 9.04 -22.65 4.93
N ILE A 245 9.08 -23.10 6.18
CA ILE A 245 8.05 -22.80 7.17
C ILE A 245 8.76 -21.77 8.01
N VAL A 246 8.38 -20.50 7.87
CA VAL A 246 9.05 -19.41 8.56
C VAL A 246 8.29 -18.69 9.66
N GLY A 247 9.04 -18.23 10.67
CA GLY A 247 8.45 -17.49 11.78
C GLY A 247 8.18 -18.26 13.06
N ILE A 248 8.20 -17.54 14.17
CA ILE A 248 7.93 -18.10 15.51
C ILE A 248 8.98 -19.11 15.98
N LYS A 249 9.03 -20.27 15.32
CA LYS A 249 10.00 -21.32 15.63
C LYS A 249 11.15 -21.13 14.65
N GLU A 250 12.20 -21.94 14.75
CA GLU A 250 13.28 -21.81 13.79
C GLU A 250 12.72 -22.27 12.45
N THR A 251 13.32 -21.78 11.36
CA THR A 251 12.88 -22.12 10.01
C THR A 251 13.06 -23.59 9.66
N GLN A 252 12.01 -24.21 9.12
CA GLN A 252 12.04 -25.62 8.70
C GLN A 252 11.84 -25.71 7.20
N LYS A 253 12.34 -26.79 6.62
CA LYS A 253 12.24 -27.06 5.20
C LYS A 253 11.24 -28.20 5.00
N SER A 254 10.58 -28.21 3.85
CA SER A 254 9.61 -29.25 3.54
C SER A 254 9.31 -29.25 2.07
N THR A 255 8.50 -30.20 1.64
CA THR A 255 8.14 -30.28 0.23
C THR A 255 6.62 -30.34 0.10
N CYS A 256 6.09 -29.65 -0.89
CA CYS A 256 4.66 -29.71 -1.11
C CYS A 256 4.44 -31.04 -1.83
N THR A 257 3.62 -31.90 -1.24
CA THR A 257 3.32 -33.21 -1.84
C THR A 257 1.87 -33.29 -2.27
N GLY A 258 1.16 -32.16 -2.16
CA GLY A 258 -0.24 -32.11 -2.56
C GLY A 258 -0.88 -30.76 -2.29
N VAL A 259 -1.86 -30.39 -3.12
CA VAL A 259 -2.59 -29.14 -2.94
C VAL A 259 -4.07 -29.46 -3.15
N GLU A 260 -4.94 -28.96 -2.28
CA GLU A 260 -6.36 -29.21 -2.46
C GLU A 260 -7.18 -27.95 -2.18
N MET A 261 -8.25 -27.78 -2.97
CA MET A 261 -9.15 -26.63 -2.82
C MET A 261 -10.56 -27.08 -3.15
N PHE A 262 -11.48 -26.88 -2.21
CA PHE A 262 -12.88 -27.30 -2.36
C PHE A 262 -12.92 -28.82 -2.54
N ARG A 263 -11.98 -29.51 -1.89
CA ARG A 263 -11.88 -30.96 -1.93
C ARG A 263 -11.31 -31.49 -3.25
N LYS A 264 -11.01 -30.59 -4.18
CA LYS A 264 -10.43 -30.99 -5.47
C LYS A 264 -8.92 -30.89 -5.39
N LEU A 265 -8.22 -31.98 -5.68
CA LEU A 265 -6.77 -31.98 -5.66
C LEU A 265 -6.28 -31.17 -6.85
N LEU A 266 -5.31 -30.30 -6.62
CA LEU A 266 -4.76 -29.48 -7.69
C LEU A 266 -3.27 -29.75 -7.76
N ASP A 267 -2.64 -29.43 -8.88
CA ASP A 267 -1.20 -29.66 -8.97
C ASP A 267 -0.47 -28.40 -8.54
N GLU A 268 -1.23 -27.34 -8.31
CA GLU A 268 -0.63 -26.10 -7.85
C GLU A 268 -1.66 -25.18 -7.15
N GLY A 269 -1.16 -24.35 -6.23
CA GLY A 269 -1.98 -23.38 -5.53
C GLY A 269 -1.55 -21.99 -5.96
N ARG A 270 -2.53 -21.16 -6.31
CA ARG A 270 -2.25 -19.81 -6.78
C ARG A 270 -2.70 -18.70 -5.85
N ALA A 271 -2.03 -17.56 -5.96
CA ALA A 271 -2.33 -16.38 -5.17
C ALA A 271 -3.85 -16.08 -5.17
N GLY A 272 -4.40 -15.86 -3.99
CA GLY A 272 -5.83 -15.57 -3.87
C GLY A 272 -6.67 -16.78 -3.54
N GLU A 273 -6.16 -17.99 -3.78
CA GLU A 273 -6.91 -19.22 -3.50
C GLU A 273 -6.79 -19.69 -2.05
N ASN A 274 -7.88 -20.24 -1.53
CA ASN A 274 -7.93 -20.80 -0.18
C ASN A 274 -7.67 -22.28 -0.35
N VAL A 275 -6.43 -22.66 -0.15
CA VAL A 275 -6.02 -24.03 -0.34
C VAL A 275 -5.52 -24.74 0.90
N GLY A 276 -5.27 -26.03 0.71
CA GLY A 276 -4.70 -26.85 1.74
C GLY A 276 -3.41 -27.35 1.14
N VAL A 277 -2.34 -27.38 1.93
CA VAL A 277 -1.06 -27.86 1.44
C VAL A 277 -0.59 -29.06 2.25
N LEU A 278 -0.28 -30.15 1.57
CA LEU A 278 0.19 -31.36 2.23
C LEU A 278 1.71 -31.21 2.27
N LEU A 279 2.28 -31.38 3.45
CA LEU A 279 3.72 -31.26 3.59
C LEU A 279 4.35 -32.59 3.95
N ARG A 280 5.44 -32.90 3.27
CA ARG A 280 6.17 -34.14 3.50
C ARG A 280 7.04 -34.02 4.75
N GLY A 281 7.06 -35.08 5.56
CA GLY A 281 7.90 -35.12 6.74
C GLY A 281 7.85 -34.00 7.77
N ILE A 282 6.67 -33.45 8.00
CA ILE A 282 6.49 -32.42 9.00
C ILE A 282 5.33 -32.91 9.86
N LYS A 283 5.50 -32.87 11.18
CA LYS A 283 4.47 -33.32 12.10
C LYS A 283 3.55 -32.15 12.46
N ARG A 284 2.37 -32.44 12.97
CA ARG A 284 1.45 -31.37 13.35
C ARG A 284 2.01 -30.49 14.46
N GLU A 285 2.84 -31.09 15.31
CA GLU A 285 3.42 -30.36 16.43
C GLU A 285 4.48 -29.32 16.04
N GLU A 286 5.11 -29.52 14.90
CA GLU A 286 6.15 -28.60 14.44
C GLU A 286 5.59 -27.35 13.76
N ILE A 287 4.41 -27.47 13.17
CA ILE A 287 3.75 -26.37 12.47
C ILE A 287 2.73 -25.67 13.34
N GLU A 288 2.55 -24.36 13.12
CA GLU A 288 1.56 -23.59 13.86
C GLU A 288 1.05 -22.32 13.19
N ARG A 289 -0.19 -21.98 13.49
CA ARG A 289 -0.85 -20.79 12.99
C ARG A 289 0.07 -19.59 13.25
N GLY A 290 0.32 -18.78 12.21
CA GLY A 290 1.21 -17.64 12.40
C GLY A 290 2.48 -17.75 11.59
N GLN A 291 2.91 -18.98 11.32
CA GLN A 291 4.08 -19.16 10.49
C GLN A 291 3.57 -19.04 9.07
N VAL A 292 4.49 -18.96 8.12
CA VAL A 292 4.06 -18.89 6.74
C VAL A 292 4.82 -19.95 5.98
N LEU A 293 4.27 -20.31 4.82
CA LEU A 293 4.91 -21.21 3.90
C LEU A 293 5.47 -20.22 2.89
N ALA A 294 6.76 -20.30 2.58
CA ALA A 294 7.31 -19.37 1.61
C ALA A 294 8.28 -20.02 0.66
N LYS A 295 8.48 -19.39 -0.49
CA LYS A 295 9.44 -19.88 -1.43
C LYS A 295 10.76 -19.75 -0.64
N PRO A 296 11.56 -20.83 -0.59
CA PRO A 296 12.83 -20.83 0.16
C PRO A 296 13.76 -19.65 -0.18
N GLY A 297 14.33 -19.05 0.86
CA GLY A 297 15.23 -17.92 0.72
C GLY A 297 14.58 -16.56 0.57
N THR A 298 13.27 -16.52 0.38
CA THR A 298 12.59 -15.24 0.15
C THR A 298 12.06 -14.44 1.34
N ILE A 299 12.03 -15.01 2.54
CA ILE A 299 11.56 -14.26 3.71
C ILE A 299 12.19 -14.84 4.98
N LYS A 300 12.58 -13.96 5.91
CA LYS A 300 13.21 -14.38 7.15
C LYS A 300 12.43 -13.90 8.36
N PRO A 301 12.65 -14.55 9.51
CA PRO A 301 11.95 -14.15 10.74
C PRO A 301 12.71 -12.99 11.37
N HIS A 302 11.98 -12.01 11.87
CA HIS A 302 12.61 -10.86 12.52
C HIS A 302 11.79 -10.51 13.74
N THR A 303 12.44 -9.94 14.77
CA THR A 303 11.74 -9.54 16.00
C THR A 303 11.65 -8.03 16.20
N LYS A 304 12.55 -7.27 15.57
CA LYS A 304 12.56 -5.81 15.73
C LYS A 304 12.50 -5.07 14.41
N PHE A 305 11.72 -3.99 14.37
CA PHE A 305 11.54 -3.23 13.13
C PHE A 305 11.05 -1.82 13.34
N GLU A 306 11.29 -0.99 12.33
CA GLU A 306 10.84 0.40 12.36
C GLU A 306 9.53 0.40 11.59
N SER A 307 8.57 1.17 12.06
CA SER A 307 7.28 1.20 11.42
C SER A 307 6.58 2.54 11.51
N GLU A 308 5.56 2.69 10.67
CA GLU A 308 4.74 3.86 10.67
C GLU A 308 3.42 3.30 11.17
N VAL A 309 2.86 3.89 12.21
CA VAL A 309 1.61 3.38 12.71
C VAL A 309 0.59 4.50 12.84
N TYR A 310 -0.68 4.15 12.68
CA TYR A 310 -1.73 5.12 12.84
C TYR A 310 -2.59 4.62 14.01
N ILE A 311 -2.80 5.48 15.00
CA ILE A 311 -3.58 5.10 16.16
C ILE A 311 -5.03 5.51 15.91
N LEU A 312 -5.94 4.54 16.02
CA LEU A 312 -7.36 4.79 15.78
C LEU A 312 -7.87 5.89 16.72
N SER A 313 -8.74 6.72 16.19
CA SER A 313 -9.34 7.80 16.97
C SER A 313 -10.40 7.13 17.82
N LYS A 314 -10.94 7.87 18.78
CA LYS A 314 -11.98 7.35 19.64
C LYS A 314 -13.15 6.89 18.78
N ASP A 315 -13.56 7.74 17.84
CA ASP A 315 -14.67 7.42 16.94
C ASP A 315 -14.46 6.22 16.03
N GLU A 316 -13.23 6.01 15.58
CA GLU A 316 -12.95 4.86 14.72
C GLU A 316 -13.00 3.61 15.57
N GLY A 317 -13.44 3.77 16.82
CA GLY A 317 -13.54 2.66 17.75
C GLY A 317 -12.21 2.38 18.44
N GLY A 318 -11.35 3.40 18.44
CA GLY A 318 -10.06 3.25 19.08
C GLY A 318 -10.08 3.75 20.51
N ARG A 319 -8.91 3.79 21.12
CA ARG A 319 -8.75 4.25 22.50
C ARG A 319 -9.40 5.62 22.70
N HIS A 320 -9.74 5.92 23.96
CA HIS A 320 -10.31 7.21 24.36
C HIS A 320 -9.14 8.03 24.90
N THR A 321 -8.15 7.34 25.41
CA THR A 321 -6.99 7.98 26.00
C THR A 321 -5.72 7.60 25.23
N PRO A 322 -4.66 8.38 25.40
CA PRO A 322 -3.42 8.08 24.68
C PRO A 322 -2.68 6.91 25.33
N PHE A 323 -1.59 6.46 24.72
CA PHE A 323 -0.79 5.42 25.35
C PHE A 323 0.60 5.99 25.51
N PHE A 324 1.42 5.30 26.31
CA PHE A 324 2.76 5.77 26.63
C PHE A 324 3.77 4.66 26.40
N LYS A 325 5.06 4.99 26.45
CA LYS A 325 6.04 3.92 26.28
C LYS A 325 5.84 3.06 27.51
N GLY A 326 5.97 1.75 27.33
CA GLY A 326 5.75 0.84 28.44
C GLY A 326 4.57 0.00 27.99
N TYR A 327 3.91 0.54 26.97
CA TYR A 327 2.76 -0.05 26.32
C TYR A 327 3.28 -1.33 25.65
N ARG A 328 2.58 -2.45 25.86
CA ARG A 328 2.97 -3.75 25.30
C ARG A 328 1.77 -4.42 24.64
N PRO A 329 1.26 -3.83 23.55
CA PRO A 329 0.11 -4.43 22.90
C PRO A 329 0.43 -5.67 22.06
N GLN A 330 -0.60 -6.18 21.42
CA GLN A 330 -0.50 -7.34 20.54
C GLN A 330 -0.37 -6.82 19.12
N PHE A 331 0.60 -7.34 18.39
CA PHE A 331 0.81 -6.95 17.00
C PHE A 331 0.32 -8.12 16.15
N TYR A 332 -0.74 -7.87 15.39
CA TYR A 332 -1.33 -8.90 14.56
C TYR A 332 -0.73 -8.95 13.15
N PHE A 333 0.07 -9.98 12.90
CA PHE A 333 0.69 -10.17 11.60
C PHE A 333 0.01 -11.31 10.87
N ARG A 334 -0.74 -10.96 9.84
CA ARG A 334 -1.43 -11.93 9.01
C ARG A 334 -2.44 -12.82 9.75
N THR A 335 -1.96 -13.89 10.37
CA THR A 335 -2.82 -14.84 11.03
C THR A 335 -2.66 -14.94 12.55
N THR A 336 -1.87 -14.07 13.17
CA THR A 336 -1.70 -14.21 14.61
C THR A 336 -1.18 -12.99 15.34
N ASP A 337 -1.33 -12.98 16.67
CA ASP A 337 -0.86 -11.89 17.52
C ASP A 337 0.48 -12.23 18.11
N VAL A 338 1.27 -11.20 18.37
CA VAL A 338 2.59 -11.34 18.96
C VAL A 338 2.80 -10.06 19.75
N THR A 339 2.98 -10.20 21.05
CA THR A 339 3.21 -9.05 21.91
C THR A 339 4.56 -8.44 21.59
N GLY A 340 4.66 -7.13 21.76
CA GLY A 340 5.91 -6.45 21.50
C GLY A 340 6.14 -5.23 22.37
N THR A 341 7.37 -4.72 22.28
CA THR A 341 7.81 -3.56 23.03
C THR A 341 7.95 -2.38 22.06
N ILE A 342 7.53 -1.19 22.47
CA ILE A 342 7.60 -0.02 21.61
C ILE A 342 8.60 1.04 22.09
N GLU A 343 9.12 1.81 21.13
CA GLU A 343 10.03 2.91 21.40
C GLU A 343 9.51 4.09 20.58
N LEU A 344 8.98 5.12 21.23
CA LEU A 344 8.47 6.27 20.48
C LEU A 344 9.66 7.11 20.03
N PRO A 345 9.42 8.08 19.14
CA PRO A 345 10.52 8.92 18.67
C PRO A 345 11.11 9.73 19.83
N GLU A 346 12.37 10.15 19.66
CA GLU A 346 13.08 10.92 20.66
C GLU A 346 12.29 12.10 21.22
N GLY A 347 12.08 12.08 22.54
CA GLY A 347 11.37 13.16 23.21
C GLY A 347 9.85 13.06 23.28
N VAL A 348 9.28 12.10 22.57
CA VAL A 348 7.83 11.90 22.57
C VAL A 348 7.47 10.93 23.69
N GLU A 349 6.52 11.32 24.53
CA GLU A 349 6.13 10.46 25.65
C GLU A 349 4.80 9.77 25.46
N MET A 350 3.91 10.34 24.67
CA MET A 350 2.61 9.70 24.44
C MET A 350 2.11 9.87 23.02
N VAL A 351 1.18 9.00 22.62
CA VAL A 351 0.60 9.08 21.30
C VAL A 351 -0.90 9.22 21.48
N MET A 352 -1.46 10.29 20.94
CA MET A 352 -2.89 10.54 21.06
C MET A 352 -3.69 9.75 20.04
N PRO A 353 -4.95 9.47 20.37
CA PRO A 353 -5.79 8.72 19.42
C PRO A 353 -5.86 9.62 18.17
N GLY A 354 -5.72 9.04 16.98
CA GLY A 354 -5.76 9.83 15.76
C GLY A 354 -4.38 10.25 15.29
N ASP A 355 -3.35 10.09 16.12
CA ASP A 355 -1.97 10.46 15.74
C ASP A 355 -1.33 9.33 14.89
N ASN A 356 -0.27 9.69 14.18
CA ASN A 356 0.50 8.70 13.43
C ASN A 356 1.95 9.06 13.76
N ILE A 357 2.78 8.06 14.05
CA ILE A 357 4.17 8.32 14.38
C ILE A 357 4.98 7.11 14.01
N LYS A 358 6.28 7.30 13.88
CA LYS A 358 7.17 6.20 13.58
C LYS A 358 7.36 5.49 14.93
N MET A 359 7.26 4.17 14.93
CA MET A 359 7.45 3.37 16.15
C MET A 359 8.46 2.27 15.90
N VAL A 360 9.34 2.02 16.86
CA VAL A 360 10.32 0.94 16.74
C VAL A 360 9.76 -0.16 17.64
N VAL A 361 9.49 -1.32 17.05
CA VAL A 361 8.89 -2.42 17.80
C VAL A 361 9.81 -3.59 18.01
N THR A 362 9.64 -4.25 19.16
CA THR A 362 10.42 -5.44 19.50
C THR A 362 9.44 -6.53 19.92
N LEU A 363 9.32 -7.54 19.09
CA LEU A 363 8.39 -8.64 19.33
C LEU A 363 8.97 -9.67 20.31
N ILE A 364 8.09 -10.37 21.03
CA ILE A 364 8.50 -11.40 21.99
C ILE A 364 9.11 -12.63 21.25
N HIS A 365 8.55 -12.95 20.09
CA HIS A 365 9.12 -14.02 19.27
C HIS A 365 9.06 -13.60 17.80
N PRO A 366 9.96 -14.15 16.98
CA PRO A 366 10.02 -13.81 15.55
C PRO A 366 8.79 -14.06 14.70
N ILE A 367 8.67 -13.26 13.66
CA ILE A 367 7.60 -13.34 12.70
C ILE A 367 8.28 -13.17 11.34
N ALA A 368 7.78 -13.86 10.34
CA ALA A 368 8.38 -13.75 9.02
C ALA A 368 7.96 -12.38 8.51
N MET A 369 8.93 -11.53 8.18
CA MET A 369 8.54 -10.21 7.70
C MET A 369 9.51 -9.51 6.78
N ASP A 370 9.00 -8.51 6.09
CA ASP A 370 9.81 -7.70 5.18
C ASP A 370 9.19 -6.31 5.11
N ASP A 371 9.93 -5.36 4.57
CA ASP A 371 9.44 -4.00 4.44
C ASP A 371 8.11 -4.05 3.71
N GLY A 372 7.14 -3.26 4.17
CA GLY A 372 5.83 -3.26 3.53
C GLY A 372 4.75 -4.12 4.16
N LEU A 373 5.13 -5.02 5.07
CA LEU A 373 4.14 -5.87 5.75
C LEU A 373 3.24 -5.04 6.65
N ARG A 374 1.94 -5.12 6.40
CA ARG A 374 0.95 -4.42 7.20
C ARG A 374 0.65 -5.24 8.45
N PHE A 375 0.25 -4.55 9.50
CA PHE A 375 -0.08 -5.21 10.74
C PHE A 375 -1.07 -4.35 11.52
N ALA A 376 -1.83 -5.00 12.39
CA ALA A 376 -2.79 -4.31 13.23
C ALA A 376 -2.25 -4.35 14.67
N ILE A 377 -2.57 -3.35 15.45
CA ILE A 377 -2.15 -3.33 16.84
C ILE A 377 -3.46 -3.53 17.59
N ARG A 378 -3.46 -4.27 18.70
CA ARG A 378 -4.70 -4.48 19.44
C ARG A 378 -4.54 -4.81 20.91
N GLU A 379 -5.57 -4.49 21.67
CA GLU A 379 -5.61 -4.70 23.13
C GLU A 379 -6.71 -5.69 23.49
N GLY A 380 -6.36 -6.97 23.61
CA GLY A 380 -7.36 -7.97 23.94
C GLY A 380 -8.41 -8.06 22.86
N GLY A 381 -7.95 -8.25 21.62
CA GLY A 381 -8.87 -8.35 20.50
C GLY A 381 -9.23 -7.00 19.89
N ARG A 382 -9.62 -6.05 20.74
CA ARG A 382 -10.01 -4.71 20.30
C ARG A 382 -8.88 -3.97 19.56
N THR A 383 -9.14 -3.66 18.28
CA THR A 383 -8.19 -2.96 17.41
C THR A 383 -7.93 -1.52 17.87
N VAL A 384 -6.67 -1.12 17.99
CA VAL A 384 -6.36 0.24 18.41
C VAL A 384 -5.53 0.98 17.36
N GLY A 385 -4.78 0.23 16.56
CA GLY A 385 -3.98 0.85 15.52
C GLY A 385 -3.70 -0.03 14.31
N ALA A 386 -3.05 0.56 13.31
CA ALA A 386 -2.66 -0.16 12.10
C ALA A 386 -1.26 0.35 11.84
N GLY A 387 -0.41 -0.51 11.28
CA GLY A 387 0.94 -0.11 10.99
C GLY A 387 1.50 -0.80 9.76
N VAL A 388 2.65 -0.35 9.32
CA VAL A 388 3.28 -0.96 8.17
C VAL A 388 4.76 -1.04 8.53
N VAL A 389 5.39 -2.18 8.28
CA VAL A 389 6.82 -2.31 8.58
C VAL A 389 7.60 -1.46 7.56
N ALA A 390 8.39 -0.50 8.03
CA ALA A 390 9.17 0.36 7.14
C ALA A 390 10.58 -0.16 6.91
N LYS A 391 11.17 -0.73 7.96
CA LYS A 391 12.53 -1.25 7.89
C LYS A 391 12.70 -2.33 8.96
N VAL A 392 13.17 -3.50 8.54
CA VAL A 392 13.39 -4.57 9.49
C VAL A 392 14.75 -4.29 10.14
N LEU A 393 14.81 -4.33 11.46
CA LEU A 393 16.07 -4.07 12.16
C LEU A 393 16.79 -5.36 12.56
N GLY A 394 16.03 -6.35 13.03
CA GLY A 394 16.61 -7.61 13.43
C GLY A 394 15.76 -8.37 14.43
CA SER B 1 -9.29 -30.64 3.16
C SER B 1 -10.55 -30.24 3.72
N ASN B 3 -13.12 -27.13 2.84
CA ASN B 3 -13.75 -25.91 2.34
C ASN B 3 -14.63 -26.20 1.16
N TYR B 7 -14.29 -20.40 2.29
CA TYR B 7 -13.88 -20.38 3.68
C TYR B 7 -12.55 -21.22 3.83
#